data_7ZG5
#
_entry.id   7ZG5
#
_cell.length_a   79.617
_cell.length_b   120.096
_cell.length_c   172.027
_cell.angle_alpha   90.000
_cell.angle_beta   90.000
_cell.angle_gamma   90.000
#
_symmetry.space_group_name_H-M   'C 2 2 21'
#
loop_
_entity.id
_entity.type
_entity.pdbx_description
1 polymer Acetyltransferase
2 polymer 'DUF1778 domain-containing protein'
3 polymer 'tacAT3 DNA operator'
4 polymer 'tacAT3 DNA operator'
5 non-polymer 'COENZYME A'
6 non-polymer (4S)-2-METHYL-2,4-PENTANEDIOL
7 non-polymer 'BARIUM ION'
8 non-polymer GLYCEROL
9 water water
#
loop_
_entity_poly.entity_id
_entity_poly.type
_entity_poly.pdbx_seq_one_letter_code
_entity_poly.pdbx_strand_id
1 'polypeptide(L)'
;GSMFTDWHEAAIGKTHNRMNFDCGDADLNQFLQRHARQNHEKGTTKTYVALDNSDVTRIHGFYSVSPASLIYAQVPGAIS
KGLGRYDVPVFRLGRLAVDKSMQGQGLGAQLLLSAGKRCIQAALQVGGVALLIDAKNKQVCDWFKGFGAVPLNDQPLSLL
LSFKTLYAALSASGRL
;
A,B
2 'polypeptide(L)'
;GSPQIAIESNERLSLRVSTDAKKLIVRAAAIQQTNLTDFVVSNILPVAQKIVDAAERVYLTERDTKMIMEILDNPPAPNE
KLLAAAFALPDMKK
;
C,D
3 'polydeoxyribonucleotide' (DT)(DA)(DT)(DG)(DT)(DA)(DC)(DG)(DC)(DC)(DT)(DT) E
4 'polydeoxyribonucleotide' (DA)(DA)(DG)(DG)(DC)(DG)(DT)(DA)(DC)(DA)(DT)(DA) F
#
loop_
_chem_comp.id
_chem_comp.type
_chem_comp.name
_chem_comp.formula
BA non-polymer 'BARIUM ION' 'Ba 2'
COA non-polymer 'COENZYME A' 'C21 H36 N7 O16 P3 S'
DA DNA linking 2'-DEOXYADENOSINE-5'-MONOPHOSPHATE 'C10 H14 N5 O6 P'
DC DNA linking 2'-DEOXYCYTIDINE-5'-MONOPHOSPHATE 'C9 H14 N3 O7 P'
DG DNA linking 2'-DEOXYGUANOSINE-5'-MONOPHOSPHATE 'C10 H14 N5 O7 P'
DT DNA linking THYMIDINE-5'-MONOPHOSPHATE 'C10 H15 N2 O8 P'
GOL non-polymer GLYCEROL 'C3 H8 O3'
MPD non-polymer (4S)-2-METHYL-2,4-PENTANEDIOL 'C6 H14 O2'
#
# COMPACT_ATOMS: atom_id res chain seq x y z
N SER A 2 -3.78 26.36 25.33
CA SER A 2 -3.55 25.46 26.46
C SER A 2 -3.13 24.07 26.01
N MET A 3 -1.92 23.63 26.41
CA MET A 3 -1.37 22.36 25.93
C MET A 3 -0.76 21.58 27.10
N PHE A 4 -1.46 20.57 27.59
CA PHE A 4 -0.97 19.77 28.71
C PHE A 4 0.12 18.81 28.21
N THR A 5 1.29 18.84 28.85
CA THR A 5 2.42 18.05 28.37
C THR A 5 2.97 17.06 29.39
N ASP A 6 2.48 17.08 30.62
CA ASP A 6 2.97 16.22 31.69
C ASP A 6 2.31 14.84 31.64
N TRP A 7 2.46 14.19 30.49
CA TRP A 7 1.88 12.87 30.24
C TRP A 7 2.87 12.07 29.40
N HIS A 8 2.65 10.76 29.31
CA HIS A 8 3.48 9.90 28.48
C HIS A 8 2.63 8.83 27.84
N GLU A 9 3.10 8.31 26.71
CA GLU A 9 2.37 7.37 25.89
C GLU A 9 2.82 5.95 26.15
N ALA A 10 1.86 5.04 26.23
CA ALA A 10 2.19 3.62 26.31
C ALA A 10 1.17 2.81 25.52
N ALA A 11 1.57 1.60 25.11
CA ALA A 11 0.61 0.63 24.63
C ALA A 11 -0.29 0.24 25.79
N ILE A 12 -1.57 -0.01 25.50
CA ILE A 12 -2.47 -0.34 26.59
C ILE A 12 -1.98 -1.60 27.30
N GLY A 13 -2.05 -1.58 28.63
CA GLY A 13 -1.53 -2.67 29.45
C GLY A 13 -2.39 -3.07 30.64
N LYS A 14 -1.84 -3.96 31.48
CA LYS A 14 -2.59 -4.49 32.61
C LYS A 14 -2.73 -3.47 33.73
N THR A 15 -1.69 -2.69 33.98
CA THR A 15 -1.64 -1.80 35.14
C THR A 15 -2.49 -0.54 34.97
N HIS A 16 -3.10 -0.30 33.81
CA HIS A 16 -3.79 0.95 33.55
C HIS A 16 -5.26 0.88 33.94
N ASN A 17 -5.70 1.85 34.73
CA ASN A 17 -7.09 1.85 35.22
C ASN A 17 -8.01 2.25 34.08
N ARG A 18 -8.65 1.26 33.46
CA ARG A 18 -9.57 1.55 32.37
C ARG A 18 -10.96 1.93 32.85
N MET A 19 -11.38 1.49 34.03
CA MET A 19 -12.75 1.78 34.45
C MET A 19 -12.93 3.22 34.89
N ASN A 20 -11.86 3.89 35.34
CA ASN A 20 -11.99 5.29 35.70
C ASN A 20 -12.16 6.20 34.49
N PHE A 21 -11.82 5.71 33.29
CA PHE A 21 -11.82 6.56 32.10
C PHE A 21 -13.23 6.86 31.65
N ASP A 22 -13.54 8.14 31.46
CA ASP A 22 -14.82 8.54 30.87
C ASP A 22 -14.60 9.78 30.03
N CYS A 23 -14.93 9.70 28.75
CA CYS A 23 -14.77 10.83 27.86
C CYS A 23 -16.10 11.41 27.44
N GLY A 24 -17.21 10.84 27.90
CA GLY A 24 -18.51 11.32 27.48
C GLY A 24 -19.06 10.59 26.28
N ASP A 25 -18.49 9.45 25.94
CA ASP A 25 -18.97 8.64 24.84
C ASP A 25 -18.86 7.17 25.24
N ALA A 26 -20.01 6.48 25.20
CA ALA A 26 -20.13 5.14 25.78
C ALA A 26 -19.33 4.12 24.99
N ASP A 27 -19.45 4.12 23.66
CA ASP A 27 -18.72 3.16 22.84
C ASP A 27 -17.22 3.28 23.04
N LEU A 28 -16.69 4.50 22.94
CA LEU A 28 -15.25 4.69 23.15
C LEU A 28 -14.86 4.20 24.53
N ASN A 29 -15.65 4.57 25.54
CA ASN A 29 -15.47 4.08 26.90
C ASN A 29 -15.57 2.56 26.95
N GLN A 30 -16.60 2.02 26.32
CA GLN A 30 -16.79 0.57 26.35
C GLN A 30 -15.68 -0.13 25.60
N PHE A 31 -15.27 0.41 24.44
CA PHE A 31 -14.18 -0.18 23.70
C PHE A 31 -12.91 -0.23 24.55
N LEU A 32 -12.58 0.87 25.22
CA LEU A 32 -11.37 0.90 26.03
C LEU A 32 -11.45 -0.08 27.17
N GLN A 33 -12.64 -0.33 27.70
CA GLN A 33 -12.78 -1.13 28.91
C GLN A 33 -12.73 -2.63 28.62
N ARG A 34 -13.44 -3.08 27.58
CA ARG A 34 -13.54 -4.52 27.34
C ARG A 34 -12.90 -5.02 26.04
N HIS A 35 -12.58 -4.16 25.08
CA HIS A 35 -12.08 -4.65 23.78
C HIS A 35 -10.67 -4.23 23.44
N ALA A 36 -10.26 -3.01 23.80
CA ALA A 36 -8.97 -2.48 23.36
C ALA A 36 -7.84 -3.47 23.64
N ARG A 37 -7.92 -4.16 24.76
CA ARG A 37 -6.83 -5.02 25.18
C ARG A 37 -6.73 -6.26 24.29
N GLN A 38 -7.83 -7.00 24.15
CA GLN A 38 -7.82 -8.23 23.36
C GLN A 38 -7.33 -7.97 21.94
N ASN A 39 -7.86 -6.93 21.28
CA ASN A 39 -7.47 -6.68 19.90
C ASN A 39 -6.00 -6.27 19.79
N HIS A 40 -5.45 -5.67 20.84
CA HIS A 40 -4.09 -5.15 20.74
C HIS A 40 -3.06 -6.28 20.62
N GLU A 41 -3.27 -7.39 21.32
CA GLU A 41 -2.29 -8.45 21.27
C GLU A 41 -2.73 -9.66 20.46
N LYS A 42 -3.99 -9.74 20.07
CA LYS A 42 -4.47 -10.78 19.18
C LYS A 42 -4.81 -10.28 17.79
N GLY A 43 -5.36 -9.07 17.68
CA GLY A 43 -5.92 -8.58 16.46
C GLY A 43 -5.10 -7.49 15.80
N THR A 44 -5.78 -6.70 14.97
CA THR A 44 -5.15 -5.77 14.06
C THR A 44 -5.21 -4.31 14.54
N THR A 45 -6.10 -4.01 15.48
CA THR A 45 -6.23 -2.65 16.00
C THR A 45 -5.30 -2.52 17.20
N LYS A 46 -4.48 -1.49 17.19
CA LYS A 46 -3.55 -1.22 18.28
C LYS A 46 -4.06 0.00 19.05
N THR A 47 -4.00 -0.05 20.36
CA THR A 47 -4.52 1.02 21.19
C THR A 47 -3.38 1.59 22.02
N TYR A 48 -3.21 2.91 22.01
CA TYR A 48 -2.19 3.52 22.84
C TYR A 48 -2.85 4.56 23.75
N VAL A 49 -2.40 4.60 24.99
CA VAL A 49 -3.02 5.44 26.02
C VAL A 49 -2.03 6.53 26.42
N ALA A 50 -2.56 7.74 26.63
CA ALA A 50 -1.83 8.81 27.28
C ALA A 50 -1.98 8.62 28.78
N LEU A 51 -0.86 8.55 29.49
CA LEU A 51 -0.85 8.31 30.94
C LEU A 51 -0.24 9.48 31.68
N ASP A 52 -0.87 9.88 32.79
CA ASP A 52 -0.34 10.93 33.64
C ASP A 52 1.07 10.59 34.13
N ASN A 53 1.96 11.60 34.10
CA ASN A 53 3.32 11.38 34.59
C ASN A 53 3.36 11.17 36.10
N SER A 54 2.44 11.77 36.84
CA SER A 54 2.41 11.59 38.29
C SER A 54 1.77 10.26 38.67
N ASP A 55 0.63 9.93 38.07
CA ASP A 55 -0.15 8.75 38.44
C ASP A 55 -0.17 7.82 37.24
N VAL A 56 0.89 7.01 37.10
CA VAL A 56 1.17 6.29 35.86
C VAL A 56 0.07 5.32 35.46
N THR A 57 -0.91 5.09 36.32
CA THR A 57 -2.01 4.21 35.98
C THR A 57 -3.23 4.97 35.53
N ARG A 58 -3.16 6.29 35.53
CA ARG A 58 -4.29 7.15 35.18
C ARG A 58 -4.26 7.48 33.69
N ILE A 59 -5.34 7.16 33.00
CA ILE A 59 -5.45 7.35 31.56
C ILE A 59 -6.04 8.74 31.29
N HIS A 60 -5.26 9.59 30.65
CA HIS A 60 -5.83 10.85 30.18
C HIS A 60 -6.51 10.75 28.83
N GLY A 61 -6.22 9.72 28.02
CA GLY A 61 -6.80 9.62 26.70
C GLY A 61 -6.23 8.43 25.97
N PHE A 62 -6.78 8.18 24.79
CA PHE A 62 -6.29 7.03 24.03
C PHE A 62 -6.67 7.22 22.57
N TYR A 63 -6.01 6.44 21.71
CA TYR A 63 -6.37 6.32 20.31
C TYR A 63 -6.12 4.90 19.82
N SER A 64 -6.88 4.48 18.81
CA SER A 64 -6.70 3.19 18.17
C SER A 64 -6.46 3.39 16.67
N VAL A 65 -5.47 2.68 16.14
CA VAL A 65 -5.06 2.76 14.73
C VAL A 65 -5.04 1.35 14.15
N SER A 66 -5.30 1.24 12.85
CA SER A 66 -5.26 -0.05 12.18
C SER A 66 -4.97 0.19 10.72
N PRO A 67 -4.35 -0.78 10.03
CA PRO A 67 -4.11 -0.63 8.59
C PRO A 67 -5.41 -0.65 7.81
N ALA A 68 -5.41 0.10 6.71
CA ALA A 68 -6.52 0.05 5.76
C ALA A 68 -5.95 0.39 4.38
N SER A 69 -6.80 0.32 3.36
CA SER A 69 -6.37 0.65 2.00
C SER A 69 -7.44 1.50 1.34
N LEU A 70 -7.00 2.49 0.56
CA LEU A 70 -7.91 3.23 -0.30
C LEU A 70 -7.89 2.59 -1.68
N ILE A 71 -9.07 2.30 -2.22
CA ILE A 71 -9.16 1.76 -3.56
C ILE A 71 -9.56 2.89 -4.49
N TYR A 72 -8.61 3.31 -5.32
CA TYR A 72 -8.81 4.38 -6.27
C TYR A 72 -9.80 3.94 -7.36
N ALA A 73 -10.50 4.91 -7.93
CA ALA A 73 -11.39 4.62 -9.04
C ALA A 73 -10.67 4.85 -10.36
N GLN A 74 -11.34 4.45 -11.45
CA GLN A 74 -10.84 4.62 -12.81
C GLN A 74 -10.90 6.09 -13.17
N VAL A 75 -9.78 6.79 -13.01
CA VAL A 75 -9.69 8.21 -13.31
C VAL A 75 -9.12 8.37 -14.71
N PRO A 76 -9.72 9.19 -15.56
CA PRO A 76 -9.23 9.33 -16.94
C PRO A 76 -7.88 10.04 -17.01
N GLY A 77 -7.07 9.61 -17.98
CA GLY A 77 -5.79 10.23 -18.23
C GLY A 77 -4.78 10.05 -17.11
N ALA A 78 -5.14 9.26 -16.09
CA ALA A 78 -4.26 8.99 -14.96
C ALA A 78 -3.53 7.67 -15.07
N ILE A 79 -4.06 6.72 -15.85
CA ILE A 79 -3.34 5.48 -16.15
C ILE A 79 -1.94 5.82 -16.66
N SER A 80 -1.88 6.52 -17.79
CA SER A 80 -0.61 6.89 -18.40
C SER A 80 0.14 7.95 -17.60
N LYS A 81 -0.54 8.67 -16.69
CA LYS A 81 0.03 9.78 -15.93
C LYS A 81 1.34 9.43 -15.21
N GLY A 82 1.68 8.15 -15.07
CA GLY A 82 2.91 7.81 -14.40
C GLY A 82 2.75 6.57 -13.56
N LEU A 83 3.82 6.24 -12.84
CA LEU A 83 3.84 5.05 -12.03
C LEU A 83 2.90 5.20 -10.83
N GLY A 84 2.01 4.21 -10.67
CA GLY A 84 0.98 4.32 -9.64
C GLY A 84 0.51 2.95 -9.20
N ARG A 85 -0.55 2.88 -8.40
CA ARG A 85 -1.20 1.61 -8.08
C ARG A 85 -2.62 1.95 -7.68
N TYR A 86 -3.48 0.93 -7.62
CA TYR A 86 -4.88 1.18 -7.31
C TYR A 86 -5.25 0.95 -5.85
N ASP A 87 -4.43 0.25 -5.08
CA ASP A 87 -4.71 0.02 -3.67
C ASP A 87 -3.65 0.75 -2.86
N VAL A 88 -4.03 1.86 -2.25
CA VAL A 88 -3.08 2.78 -1.63
C VAL A 88 -3.12 2.57 -0.12
N PRO A 89 -2.02 2.19 0.51
CA PRO A 89 -2.04 1.87 1.93
C PRO A 89 -2.19 3.14 2.76
N VAL A 90 -3.05 3.08 3.78
CA VAL A 90 -3.18 4.13 4.78
C VAL A 90 -3.30 3.47 6.14
N PHE A 91 -3.34 4.31 7.18
CA PHE A 91 -3.68 3.84 8.50
C PHE A 91 -4.93 4.58 8.94
N ARG A 92 -5.85 3.84 9.55
CA ARG A 92 -7.12 4.36 9.99
C ARG A 92 -6.99 4.74 11.45
N LEU A 93 -7.28 6.00 11.76
CA LEU A 93 -7.41 6.47 13.15
C LEU A 93 -8.88 6.27 13.50
N GLY A 94 -9.18 5.13 14.09
CA GLY A 94 -10.59 4.79 14.21
C GLY A 94 -11.19 5.30 15.49
N ARG A 95 -10.35 5.56 16.50
CA ARG A 95 -10.83 6.05 17.79
C ARG A 95 -9.78 7.00 18.35
N LEU A 96 -10.27 8.09 18.96
CA LEU A 96 -9.48 9.11 19.62
C LEU A 96 -10.37 9.70 20.72
N ALA A 97 -9.95 9.63 21.98
CA ALA A 97 -10.77 10.08 23.10
C ALA A 97 -9.91 10.75 24.16
N VAL A 98 -10.46 11.75 24.86
CA VAL A 98 -9.79 12.43 25.97
C VAL A 98 -10.70 12.40 27.19
N ASP A 99 -10.16 12.01 28.33
CA ASP A 99 -10.96 11.91 29.55
C ASP A 99 -11.59 13.24 29.90
N LYS A 100 -12.87 13.22 30.28
CA LYS A 100 -13.59 14.46 30.57
C LYS A 100 -12.87 15.32 31.60
N SER A 101 -12.16 14.69 32.54
CA SER A 101 -11.46 15.45 33.55
C SER A 101 -10.46 16.42 32.96
N MET A 102 -10.11 16.29 31.67
CA MET A 102 -9.15 17.27 31.13
C MET A 102 -9.42 17.70 29.68
N GLN A 103 -10.65 17.58 29.18
CA GLN A 103 -10.95 18.09 27.86
C GLN A 103 -10.73 19.60 27.79
N GLY A 104 -10.18 20.06 26.65
CA GLY A 104 -9.85 21.45 26.47
C GLY A 104 -8.41 21.81 26.75
N GLN A 105 -7.57 20.88 27.17
CA GLN A 105 -6.16 21.14 27.39
C GLN A 105 -5.28 20.61 26.24
N GLY A 106 -5.83 20.52 25.03
CA GLY A 106 -5.03 20.16 23.87
C GLY A 106 -4.46 18.76 23.85
N LEU A 107 -4.99 17.83 24.63
CA LEU A 107 -4.49 16.47 24.56
C LEU A 107 -4.94 15.78 23.28
N GLY A 108 -6.13 16.13 22.77
CA GLY A 108 -6.64 15.44 21.60
C GLY A 108 -5.80 15.73 20.38
N ALA A 109 -5.40 17.01 20.22
CA ALA A 109 -4.54 17.40 19.13
C ALA A 109 -3.19 16.70 19.22
N GLN A 110 -2.69 16.49 20.44
CA GLN A 110 -1.42 15.78 20.64
C GLN A 110 -1.56 14.28 20.38
N LEU A 111 -2.69 13.67 20.73
CA LEU A 111 -2.87 12.27 20.39
C LEU A 111 -2.96 12.09 18.87
N LEU A 112 -3.58 13.05 18.16
CA LEU A 112 -3.58 13.03 16.71
C LEU A 112 -2.16 13.06 16.16
N LEU A 113 -1.31 13.97 16.67
CA LEU A 113 0.07 14.00 16.19
C LEU A 113 0.81 12.73 16.58
N SER A 114 0.52 12.23 17.77
CA SER A 114 1.14 11.01 18.25
C SER A 114 0.77 9.82 17.35
N ALA A 115 -0.51 9.75 16.97
CA ALA A 115 -0.96 8.68 16.10
C ALA A 115 -0.29 8.79 14.73
N GLY A 116 -0.15 10.02 14.22
CA GLY A 116 0.49 10.20 12.92
C GLY A 116 1.93 9.79 12.94
N LYS A 117 2.63 10.08 14.04
CA LYS A 117 4.03 9.68 14.17
C LYS A 117 4.17 8.16 14.21
N ARG A 118 3.32 7.50 15.01
CA ARG A 118 3.41 6.05 15.13
C ARG A 118 3.17 5.38 13.77
N CYS A 119 2.21 5.90 13.01
CA CYS A 119 1.84 5.32 11.73
C CYS A 119 2.89 5.62 10.68
N ILE A 120 3.47 6.82 10.69
CA ILE A 120 4.58 7.14 9.81
C ILE A 120 5.71 6.16 10.05
N GLN A 121 6.05 5.91 11.33
CA GLN A 121 7.12 4.94 11.63
C GLN A 121 6.75 3.53 11.17
N ALA A 122 5.50 3.11 11.39
CA ALA A 122 5.13 1.77 10.96
C ALA A 122 5.14 1.66 9.44
N ALA A 123 4.73 2.73 8.74
CA ALA A 123 4.70 2.81 7.28
C ALA A 123 6.09 2.65 6.66
N LEU A 124 7.15 2.99 7.40
CA LEU A 124 8.50 2.73 6.91
C LEU A 124 8.73 1.25 6.66
N GLN A 125 8.01 0.37 7.38
CA GLN A 125 8.18 -1.08 7.28
C GLN A 125 7.06 -1.77 6.54
N VAL A 126 5.83 -1.24 6.58
CA VAL A 126 4.70 -1.91 5.93
C VAL A 126 3.98 -1.01 4.92
N GLY A 127 4.44 0.21 4.68
CA GLY A 127 3.78 1.07 3.73
C GLY A 127 2.65 1.93 4.29
N GLY A 128 2.43 3.12 3.73
CA GLY A 128 1.37 4.00 4.19
C GLY A 128 1.63 5.43 3.78
N VAL A 129 0.60 6.15 3.34
CA VAL A 129 0.80 7.52 2.89
C VAL A 129 -0.05 8.53 3.66
N ALA A 130 -1.02 8.11 4.46
CA ALA A 130 -1.93 9.07 5.07
C ALA A 130 -2.66 8.42 6.23
N LEU A 131 -3.23 9.28 7.09
CA LEU A 131 -4.16 8.84 8.11
C LEU A 131 -5.57 8.95 7.54
N LEU A 132 -6.35 7.89 7.67
CA LEU A 132 -7.77 7.97 7.35
C LEU A 132 -8.51 8.07 8.67
N ILE A 133 -9.26 9.15 8.86
CA ILE A 133 -9.85 9.52 10.14
C ILE A 133 -11.35 9.31 10.07
N ASP A 134 -11.88 8.50 10.96
CA ASP A 134 -13.33 8.38 11.04
C ASP A 134 -13.83 9.30 12.16
N ALA A 135 -14.73 10.21 11.79
CA ALA A 135 -15.41 11.07 12.73
C ALA A 135 -16.80 10.52 12.98
N LYS A 136 -17.30 10.62 14.21
CA LYS A 136 -18.63 10.07 14.45
C LYS A 136 -19.75 11.04 14.14
N ASN A 137 -19.49 12.34 14.08
CA ASN A 137 -20.54 13.27 13.68
C ASN A 137 -19.88 14.52 13.12
N LYS A 138 -20.71 15.52 12.81
CA LYS A 138 -20.19 16.70 12.14
C LYS A 138 -19.30 17.55 13.05
N GLN A 139 -19.60 17.62 14.36
CA GLN A 139 -18.78 18.44 15.23
C GLN A 139 -17.36 17.88 15.33
N VAL A 140 -17.24 16.58 15.62
CA VAL A 140 -15.96 15.87 15.59
C VAL A 140 -15.26 16.07 14.26
N CYS A 141 -15.98 15.88 13.15
CA CYS A 141 -15.42 16.09 11.83
C CYS A 141 -14.86 17.51 11.67
N ASP A 142 -15.61 18.53 12.11
CA ASP A 142 -15.13 19.91 12.06
C ASP A 142 -13.86 20.11 12.88
N TRP A 143 -13.81 19.50 14.06
CA TRP A 143 -12.62 19.55 14.90
C TRP A 143 -11.39 19.03 14.15
N PHE A 144 -11.50 17.87 13.51
CA PHE A 144 -10.39 17.30 12.74
C PHE A 144 -10.01 18.17 11.56
N LYS A 145 -11.01 18.75 10.91
CA LYS A 145 -10.77 19.67 9.81
C LYS A 145 -9.95 20.88 10.23
N GLY A 146 -10.06 21.28 11.50
CA GLY A 146 -9.24 22.35 12.06
C GLY A 146 -7.74 22.07 12.01
N PHE A 147 -7.34 20.81 11.96
CA PHE A 147 -5.94 20.45 11.87
C PHE A 147 -5.46 20.28 10.43
N GLY A 148 -6.33 20.51 9.47
CA GLY A 148 -5.98 20.35 8.07
C GLY A 148 -6.43 19.05 7.44
N ALA A 149 -7.13 18.19 8.17
CA ALA A 149 -7.68 16.98 7.56
C ALA A 149 -8.79 17.39 6.60
N VAL A 150 -8.88 16.70 5.47
CA VAL A 150 -9.80 17.04 4.38
C VAL A 150 -10.91 16.00 4.35
N PRO A 151 -12.19 16.38 4.48
CA PRO A 151 -13.27 15.40 4.42
C PRO A 151 -13.42 14.83 3.03
N LEU A 152 -13.81 13.55 2.96
CA LEU A 152 -14.18 12.97 1.67
C LEU A 152 -15.55 13.47 1.25
N ASN A 153 -15.76 13.67 -0.04
CA ASN A 153 -17.03 14.20 -0.50
C ASN A 153 -18.15 13.19 -0.38
N ASP A 154 -17.88 11.95 -0.78
CA ASP A 154 -18.89 10.91 -0.83
C ASP A 154 -18.79 9.99 0.36
N GLN A 155 -18.01 10.39 1.36
CA GLN A 155 -17.89 9.74 2.65
C GLN A 155 -17.59 10.83 3.69
N PRO A 156 -18.50 11.78 3.89
CA PRO A 156 -18.31 12.70 5.00
C PRO A 156 -18.30 11.88 6.27
N LEU A 157 -17.69 12.43 7.32
CA LEU A 157 -17.35 11.77 8.57
C LEU A 157 -16.04 10.99 8.46
N SER A 158 -15.51 10.82 7.25
CA SER A 158 -14.16 10.30 7.03
C SER A 158 -13.27 11.42 6.50
N LEU A 159 -12.08 11.59 7.06
CA LEU A 159 -11.16 12.62 6.60
C LEU A 159 -9.79 12.02 6.28
N LEU A 160 -9.04 12.71 5.43
CA LEU A 160 -7.70 12.26 5.09
C LEU A 160 -6.70 13.30 5.56
N LEU A 161 -5.64 12.85 6.21
CA LEU A 161 -4.54 13.74 6.59
C LEU A 161 -3.25 13.11 6.08
N SER A 162 -2.57 13.77 5.16
CA SER A 162 -1.46 13.06 4.53
C SER A 162 -0.26 12.99 5.47
N PHE A 163 0.57 11.97 5.26
CA PHE A 163 1.79 11.85 6.05
C PHE A 163 2.75 13.00 5.76
N LYS A 164 2.76 13.54 4.54
CA LYS A 164 3.62 14.69 4.30
C LYS A 164 3.29 15.87 5.22
N THR A 165 2.01 16.21 5.37
CA THR A 165 1.63 17.30 6.26
C THR A 165 2.04 16.98 7.69
N LEU A 166 1.78 15.75 8.15
CA LEU A 166 2.11 15.42 9.53
C LEU A 166 3.61 15.37 9.75
N TYR A 167 4.33 14.85 8.76
CA TYR A 167 5.78 14.82 8.84
C TYR A 167 6.36 16.22 8.90
N ALA A 168 5.83 17.12 8.06
CA ALA A 168 6.25 18.52 8.07
C ALA A 168 6.07 19.13 9.46
N ALA A 169 4.95 18.84 10.14
CA ALA A 169 4.78 19.30 11.51
C ALA A 169 5.76 18.59 12.45
N LEU A 170 5.95 17.28 12.28
CA LEU A 170 6.75 16.52 13.25
C LEU A 170 8.23 16.83 13.15
N SER A 171 8.72 17.08 11.95
CA SER A 171 10.13 17.37 11.80
C SER A 171 10.41 18.76 12.29
N ALA A 172 9.54 19.70 11.98
CA ALA A 172 9.67 21.06 12.48
C ALA A 172 9.77 21.18 14.00
N SER A 173 9.08 20.33 14.75
CA SER A 173 9.15 20.34 16.17
C SER A 173 10.19 19.39 16.68
N GLY A 174 10.88 18.71 15.80
CA GLY A 174 11.91 17.80 16.21
C GLY A 174 11.44 16.47 16.77
N ARG A 175 10.22 16.09 16.49
CA ARG A 175 9.75 14.83 17.00
C ARG A 175 10.05 13.71 16.01
N LEU A 176 10.49 14.08 14.83
CA LEU A 176 10.92 13.05 13.86
C LEU A 176 12.20 13.46 13.12
N SER B 2 34.94 5.29 -18.00
CA SER B 2 34.34 4.49 -16.94
C SER B 2 32.85 4.34 -17.17
N MET B 3 32.05 5.04 -16.39
CA MET B 3 30.60 4.91 -16.48
C MET B 3 30.05 5.89 -17.50
N PHE B 4 29.24 5.38 -18.43
CA PHE B 4 28.60 6.23 -19.41
C PHE B 4 27.54 7.08 -18.73
N THR B 5 27.69 8.40 -18.81
CA THR B 5 26.78 9.33 -18.16
C THR B 5 26.08 10.26 -19.15
N ASP B 6 26.21 10.01 -20.44
CA ASP B 6 25.72 10.97 -21.43
C ASP B 6 24.35 10.56 -21.97
N TRP B 7 23.41 10.39 -21.04
CA TRP B 7 22.07 9.92 -21.37
C TRP B 7 21.06 10.59 -20.43
N HIS B 8 19.80 10.61 -20.86
CA HIS B 8 18.71 11.12 -20.04
C HIS B 8 17.56 10.13 -20.10
N GLU B 9 16.66 10.21 -19.13
CA GLU B 9 15.61 9.20 -18.96
C GLU B 9 14.28 9.76 -19.43
N ALA B 10 13.44 8.90 -20.02
CA ALA B 10 12.10 9.36 -20.33
C ALA B 10 11.18 8.14 -20.34
N ALA B 11 9.90 8.41 -20.13
CA ALA B 11 8.89 7.39 -20.42
C ALA B 11 8.94 7.03 -21.90
N ILE B 12 8.68 5.77 -22.21
CA ILE B 12 8.71 5.35 -23.61
C ILE B 12 7.58 6.05 -24.37
N GLY B 13 7.90 6.64 -25.52
CA GLY B 13 6.93 7.33 -26.37
C GLY B 13 6.97 6.95 -27.84
N LYS B 14 6.22 7.67 -28.69
CA LYS B 14 6.18 7.36 -30.13
C LYS B 14 7.50 7.70 -30.82
N THR B 15 8.24 8.64 -30.27
CA THR B 15 9.43 9.15 -30.92
C THR B 15 10.58 8.15 -30.92
N HIS B 16 10.65 7.32 -29.89
CA HIS B 16 11.88 6.59 -29.61
C HIS B 16 12.07 5.41 -30.54
N ASN B 17 13.33 5.12 -30.86
CA ASN B 17 13.68 4.16 -31.90
C ASN B 17 13.80 2.77 -31.27
N ARG B 18 12.66 2.11 -31.11
CA ARG B 18 12.65 0.77 -30.50
C ARG B 18 13.22 -0.28 -31.43
N MET B 19 13.10 -0.07 -32.73
CA MET B 19 13.48 -1.12 -33.66
C MET B 19 15.00 -1.31 -33.66
N ASN B 20 15.74 -0.24 -33.39
CA ASN B 20 17.19 -0.37 -33.35
C ASN B 20 17.71 -0.98 -32.05
N PHE B 21 16.83 -1.31 -31.09
CA PHE B 21 17.28 -1.79 -29.79
C PHE B 21 17.42 -3.31 -29.79
N ASP B 22 18.58 -3.78 -29.36
CA ASP B 22 18.88 -5.20 -29.27
C ASP B 22 19.76 -5.40 -28.06
N CYS B 23 19.30 -6.19 -27.11
CA CYS B 23 20.07 -6.43 -25.90
C CYS B 23 20.60 -7.85 -25.85
N GLY B 24 20.35 -8.64 -26.89
CA GLY B 24 20.84 -10.00 -26.93
C GLY B 24 19.94 -10.99 -26.27
N ASP B 25 18.80 -10.55 -25.76
CA ASP B 25 17.80 -11.41 -25.16
C ASP B 25 16.49 -11.19 -25.92
N ALA B 26 15.96 -12.29 -26.46
CA ALA B 26 14.84 -12.21 -27.39
C ALA B 26 13.60 -11.62 -26.72
N ASP B 27 13.32 -12.05 -25.49
CA ASP B 27 12.06 -11.66 -24.86
C ASP B 27 12.08 -10.21 -24.42
N LEU B 28 13.23 -9.73 -23.93
CA LEU B 28 13.31 -8.32 -23.55
C LEU B 28 13.18 -7.43 -24.78
N ASN B 29 13.86 -7.82 -25.88
CA ASN B 29 13.70 -7.12 -27.15
C ASN B 29 12.23 -7.07 -27.53
N GLN B 30 11.55 -8.20 -27.43
CA GLN B 30 10.17 -8.26 -27.90
C GLN B 30 9.30 -7.33 -27.07
N PHE B 31 9.46 -7.37 -25.74
CA PHE B 31 8.69 -6.46 -24.91
C PHE B 31 8.86 -5.00 -25.37
N LEU B 32 10.09 -4.51 -25.37
CA LEU B 32 10.30 -3.11 -25.75
C LEU B 32 9.70 -2.80 -27.10
N GLN B 33 9.88 -3.70 -28.09
CA GLN B 33 9.52 -3.38 -29.47
C GLN B 33 8.02 -3.50 -29.70
N ARG B 34 7.34 -4.44 -29.03
CA ARG B 34 5.95 -4.74 -29.34
C ARG B 34 4.96 -4.48 -28.21
N HIS B 35 5.39 -4.45 -26.94
CA HIS B 35 4.42 -4.40 -25.85
C HIS B 35 4.60 -3.24 -24.89
N ALA B 36 5.76 -2.58 -24.88
CA ALA B 36 6.05 -1.62 -23.83
C ALA B 36 5.08 -0.43 -23.91
N ARG B 37 4.84 0.09 -25.12
CA ARG B 37 4.00 1.27 -25.24
C ARG B 37 2.56 1.00 -24.86
N GLN B 38 1.99 -0.11 -25.35
CA GLN B 38 0.62 -0.45 -24.99
C GLN B 38 0.44 -0.58 -23.49
N ASN B 39 1.37 -1.28 -22.84
CA ASN B 39 1.29 -1.46 -21.40
C ASN B 39 1.47 -0.14 -20.66
N HIS B 40 2.36 0.72 -21.16
CA HIS B 40 2.58 1.99 -20.51
C HIS B 40 1.33 2.87 -20.57
N GLU B 41 0.71 2.98 -21.75
CA GLU B 41 -0.38 3.91 -21.86
C GLU B 41 -1.69 3.34 -21.31
N LYS B 42 -1.86 2.02 -21.36
CA LYS B 42 -3.12 1.38 -21.01
C LYS B 42 -3.05 0.46 -19.80
N GLY B 43 -1.88 0.30 -19.18
CA GLY B 43 -1.79 -0.65 -18.09
C GLY B 43 -0.95 -0.19 -16.91
N THR B 44 -0.67 -1.11 -16.01
CA THR B 44 0.05 -0.80 -14.77
C THR B 44 1.56 -0.95 -14.92
N THR B 45 2.01 -1.61 -15.97
CA THR B 45 3.44 -1.75 -16.23
C THR B 45 3.91 -0.54 -17.01
N LYS B 46 4.87 0.19 -16.43
CA LYS B 46 5.43 1.39 -17.00
C LYS B 46 6.86 1.09 -17.45
N THR B 47 7.27 1.72 -18.54
CA THR B 47 8.58 1.45 -19.14
C THR B 47 9.30 2.76 -19.36
N TYR B 48 10.55 2.79 -18.93
CA TYR B 48 11.35 4.00 -19.06
C TYR B 48 12.63 3.64 -19.78
N VAL B 49 13.10 4.57 -20.61
CA VAL B 49 14.20 4.30 -21.53
C VAL B 49 15.32 5.28 -21.23
N ALA B 50 16.55 4.81 -21.34
CA ALA B 50 17.73 5.66 -21.28
C ALA B 50 18.04 6.12 -22.71
N LEU B 51 17.96 7.42 -22.95
CA LEU B 51 18.12 7.99 -24.27
C LEU B 51 19.49 8.66 -24.38
N ASP B 52 20.13 8.50 -25.54
CA ASP B 52 21.35 9.26 -25.81
C ASP B 52 21.06 10.75 -25.77
N ASN B 53 22.05 11.52 -25.36
CA ASN B 53 21.91 12.97 -25.24
C ASN B 53 22.12 13.72 -26.55
N SER B 54 22.88 13.14 -27.48
CA SER B 54 23.06 13.74 -28.81
C SER B 54 21.88 13.39 -29.72
N ASP B 55 21.77 12.12 -30.10
CA ASP B 55 20.65 11.63 -30.91
C ASP B 55 19.58 11.13 -29.94
N VAL B 56 18.51 11.92 -29.79
CA VAL B 56 17.59 11.75 -28.67
C VAL B 56 16.45 10.81 -29.00
N THR B 57 16.61 9.98 -30.04
CA THR B 57 15.68 8.90 -30.30
C THR B 57 16.33 7.55 -30.08
N ARG B 58 17.63 7.52 -29.77
CA ARG B 58 18.38 6.28 -29.65
C ARG B 58 18.30 5.72 -28.22
N ILE B 59 17.79 4.51 -28.10
CA ILE B 59 17.57 3.87 -26.81
C ILE B 59 18.83 3.08 -26.44
N HIS B 60 19.51 3.51 -25.39
CA HIS B 60 20.62 2.76 -24.81
C HIS B 60 20.18 1.65 -23.86
N GLY B 61 18.95 1.72 -23.33
CA GLY B 61 18.44 0.67 -22.47
C GLY B 61 17.08 1.07 -21.90
N PHE B 62 16.50 0.18 -21.12
CA PHE B 62 15.21 0.47 -20.53
C PHE B 62 14.99 -0.39 -19.29
N TYR B 63 14.04 0.04 -18.44
CA TYR B 63 13.55 -0.85 -17.40
C TYR B 63 12.03 -0.74 -17.38
N SER B 64 11.38 -1.77 -16.89
CA SER B 64 9.94 -1.66 -16.63
C SER B 64 9.67 -1.95 -15.16
N VAL B 65 8.66 -1.25 -14.61
CA VAL B 65 8.27 -1.36 -13.21
C VAL B 65 6.74 -1.46 -13.15
N SER B 66 6.25 -2.23 -12.19
CA SER B 66 4.81 -2.35 -11.95
C SER B 66 4.56 -2.50 -10.46
N PRO B 67 3.32 -2.30 -10.01
CA PRO B 67 3.04 -2.42 -8.57
C PRO B 67 2.85 -3.88 -8.15
N ALA B 68 3.32 -4.20 -6.95
CA ALA B 68 3.10 -5.54 -6.42
C ALA B 68 2.83 -5.45 -4.93
N SER B 69 2.41 -6.57 -4.35
CA SER B 69 2.18 -6.70 -2.92
C SER B 69 2.79 -7.99 -2.40
N LEU B 70 3.49 -7.88 -1.27
CA LEU B 70 3.96 -9.07 -0.56
C LEU B 70 2.92 -9.45 0.48
N ILE B 71 2.43 -10.67 0.41
CA ILE B 71 1.47 -11.18 1.40
C ILE B 71 2.27 -11.93 2.45
N TYR B 72 2.41 -11.32 3.62
CA TYR B 72 3.11 -11.95 4.74
C TYR B 72 2.35 -13.19 5.21
N ALA B 73 3.10 -14.17 5.69
CA ALA B 73 2.52 -15.34 6.34
C ALA B 73 2.47 -15.09 7.84
N GLN B 74 1.57 -15.80 8.52
CA GLN B 74 1.48 -15.70 9.96
C GLN B 74 2.77 -16.18 10.61
N VAL B 75 3.37 -15.31 11.43
CA VAL B 75 4.66 -15.63 12.06
C VAL B 75 4.53 -15.41 13.57
N PRO B 76 5.13 -16.28 14.40
CA PRO B 76 5.05 -16.09 15.86
C PRO B 76 5.65 -14.77 16.30
N GLY B 77 4.84 -13.97 17.01
CA GLY B 77 5.29 -12.76 17.66
C GLY B 77 4.94 -11.47 16.97
N ALA B 78 4.55 -11.52 15.68
CA ALA B 78 4.42 -10.29 14.90
C ALA B 78 3.23 -9.44 15.36
N ILE B 79 2.09 -10.07 15.69
CA ILE B 79 0.90 -9.32 16.04
C ILE B 79 1.18 -8.40 17.22
N SER B 80 1.86 -8.93 18.24
CA SER B 80 2.21 -8.11 19.40
C SER B 80 3.18 -7.00 19.03
N LYS B 81 4.06 -7.24 18.06
CA LYS B 81 5.16 -6.34 17.73
C LYS B 81 4.70 -4.94 17.30
N GLY B 82 3.41 -4.73 17.01
CA GLY B 82 2.95 -3.40 16.72
C GLY B 82 2.05 -3.39 15.51
N LEU B 83 1.90 -2.21 14.90
CA LEU B 83 1.08 -2.10 13.71
C LEU B 83 1.67 -2.93 12.58
N GLY B 84 0.80 -3.64 11.87
CA GLY B 84 1.20 -4.43 10.73
C GLY B 84 0.31 -4.11 9.56
N ARG B 85 0.48 -4.91 8.51
CA ARG B 85 -0.32 -4.85 7.29
C ARG B 85 -0.33 -6.24 6.68
N TYR B 86 -1.47 -6.60 6.09
CA TYR B 86 -1.56 -7.90 5.46
C TYR B 86 -0.81 -7.94 4.14
N ASP B 87 -0.96 -6.90 3.33
CA ASP B 87 -0.42 -6.82 1.97
C ASP B 87 0.55 -5.65 1.93
N VAL B 88 1.84 -5.94 1.96
CA VAL B 88 2.87 -4.90 2.02
C VAL B 88 3.20 -4.45 0.61
N PRO B 89 3.06 -3.17 0.30
CA PRO B 89 3.26 -2.74 -1.09
C PRO B 89 4.72 -2.60 -1.47
N VAL B 90 5.05 -3.08 -2.66
CA VAL B 90 6.37 -2.96 -3.27
C VAL B 90 6.18 -2.61 -4.74
N PHE B 91 7.29 -2.38 -5.44
CA PHE B 91 7.29 -2.21 -6.89
C PHE B 91 8.16 -3.30 -7.50
N ARG B 92 7.61 -4.01 -8.47
CA ARG B 92 8.33 -5.06 -9.17
CA ARG B 92 8.36 -5.05 -9.14
C ARG B 92 9.17 -4.44 -10.27
N LEU B 93 10.48 -4.61 -10.21
CA LEU B 93 11.33 -4.26 -11.35
C LEU B 93 11.32 -5.51 -12.24
N GLY B 94 10.42 -5.55 -13.21
CA GLY B 94 10.24 -6.76 -14.00
C GLY B 94 11.28 -6.93 -15.09
N ARG B 95 11.75 -5.84 -15.66
CA ARG B 95 12.67 -5.88 -16.79
C ARG B 95 13.73 -4.81 -16.59
N LEU B 96 14.94 -5.14 -17.02
CA LEU B 96 16.08 -4.23 -17.03
C LEU B 96 17.02 -4.71 -18.12
N ALA B 97 17.31 -3.87 -19.10
CA ALA B 97 18.07 -4.31 -20.26
C ALA B 97 18.89 -3.15 -20.82
N VAL B 98 20.10 -3.48 -21.28
CA VAL B 98 21.01 -2.53 -21.92
C VAL B 98 21.30 -3.00 -23.35
N ASP B 99 21.31 -2.05 -24.29
CA ASP B 99 21.69 -2.33 -25.68
C ASP B 99 23.11 -2.86 -25.77
N LYS B 100 23.28 -3.93 -26.55
CA LYS B 100 24.60 -4.58 -26.69
C LYS B 100 25.71 -3.57 -26.96
N SER B 101 25.44 -2.57 -27.80
CA SER B 101 26.48 -1.59 -28.09
C SER B 101 26.85 -0.72 -26.91
N MET B 102 26.11 -0.80 -25.79
CA MET B 102 26.47 0.00 -24.63
C MET B 102 26.75 -0.82 -23.38
N GLN B 103 26.84 -2.14 -23.48
CA GLN B 103 27.06 -2.93 -22.29
C GLN B 103 28.51 -2.76 -21.81
N GLY B 104 28.75 -3.17 -20.56
CA GLY B 104 30.06 -2.99 -19.96
C GLY B 104 30.42 -1.56 -19.60
N GLN B 105 29.47 -0.63 -19.63
CA GLN B 105 29.77 0.77 -19.30
C GLN B 105 28.98 1.26 -18.09
N GLY B 106 28.43 0.37 -17.28
CA GLY B 106 27.77 0.75 -16.05
C GLY B 106 26.37 1.29 -16.22
N LEU B 107 25.77 1.17 -17.41
CA LEU B 107 24.43 1.71 -17.59
C LEU B 107 23.40 0.86 -16.87
N GLY B 108 23.57 -0.47 -16.89
CA GLY B 108 22.67 -1.32 -16.12
C GLY B 108 22.57 -0.89 -14.66
N ALA B 109 23.72 -0.64 -14.04
CA ALA B 109 23.72 -0.25 -12.63
C ALA B 109 23.02 1.09 -12.42
N GLN B 110 23.24 2.04 -13.33
CA GLN B 110 22.56 3.32 -13.21
C GLN B 110 21.05 3.17 -13.41
N LEU B 111 20.63 2.26 -14.29
CA LEU B 111 19.19 2.13 -14.48
C LEU B 111 18.52 1.56 -13.25
N LEU B 112 19.22 0.70 -12.51
CA LEU B 112 18.67 0.16 -11.27
C LEU B 112 18.48 1.27 -10.24
N LEU B 113 19.48 2.13 -10.09
CA LEU B 113 19.31 3.28 -9.19
C LEU B 113 18.23 4.20 -9.70
N SER B 114 18.14 4.35 -11.01
CA SER B 114 17.10 5.19 -11.59
C SER B 114 15.71 4.60 -11.37
N ALA B 115 15.57 3.29 -11.50
CA ALA B 115 14.30 2.65 -11.16
C ALA B 115 13.98 2.80 -9.67
N GLY B 116 15.00 2.68 -8.82
CA GLY B 116 14.78 2.91 -7.41
C GLY B 116 14.30 4.32 -7.13
N LYS B 117 14.98 5.30 -7.72
CA LYS B 117 14.58 6.69 -7.57
C LYS B 117 13.12 6.89 -7.99
N ARG B 118 12.75 6.34 -9.16
CA ARG B 118 11.39 6.53 -9.65
C ARG B 118 10.37 5.87 -8.74
N CYS B 119 10.71 4.72 -8.18
CA CYS B 119 9.75 4.01 -7.35
C CYS B 119 9.58 4.68 -5.98
N ILE B 120 10.68 5.14 -5.39
CA ILE B 120 10.60 5.90 -4.15
C ILE B 120 9.73 7.13 -4.35
N GLN B 121 9.97 7.90 -5.42
CA GLN B 121 9.18 9.09 -5.65
C GLN B 121 7.70 8.75 -5.83
N ALA B 122 7.41 7.66 -6.53
CA ALA B 122 6.01 7.27 -6.68
C ALA B 122 5.44 6.77 -5.36
N ALA B 123 6.26 6.05 -4.59
CA ALA B 123 5.84 5.49 -3.31
C ALA B 123 5.41 6.54 -2.30
N LEU B 124 5.96 7.75 -2.42
CA LEU B 124 5.53 8.89 -1.61
C LEU B 124 4.06 9.21 -1.82
N GLN B 125 3.51 8.85 -2.98
CA GLN B 125 2.12 9.18 -3.26
C GLN B 125 1.21 7.97 -3.29
N VAL B 126 1.75 6.75 -3.43
CA VAL B 126 0.92 5.58 -3.50
C VAL B 126 1.37 4.47 -2.58
N GLY B 127 2.44 4.65 -1.81
CA GLY B 127 2.86 3.54 -0.98
C GLY B 127 3.88 2.64 -1.64
N GLY B 128 4.89 2.23 -0.87
CA GLY B 128 5.84 1.21 -1.31
C GLY B 128 7.04 1.20 -0.40
N VAL B 129 7.59 0.00 -0.09
CA VAL B 129 8.76 -0.07 0.79
C VAL B 129 10.00 -0.69 0.14
N ALA B 130 9.87 -1.28 -1.07
CA ALA B 130 11.00 -2.05 -1.59
C ALA B 130 10.82 -2.28 -3.10
N LEU B 131 11.95 -2.53 -3.78
CA LEU B 131 11.92 -3.08 -5.13
C LEU B 131 11.92 -4.57 -5.00
N LEU B 132 11.00 -5.23 -5.68
CA LEU B 132 11.04 -6.68 -5.84
C LEU B 132 11.57 -6.96 -7.25
N ILE B 133 12.71 -7.66 -7.33
CA ILE B 133 13.47 -7.76 -8.58
C ILE B 133 13.31 -9.16 -9.15
N ASP B 134 12.95 -9.22 -10.42
CA ASP B 134 12.83 -10.45 -11.19
C ASP B 134 14.15 -10.77 -11.90
N ALA B 135 14.78 -11.88 -11.55
CA ALA B 135 16.04 -12.28 -12.17
C ALA B 135 15.78 -13.43 -13.14
N LYS B 136 16.33 -13.30 -14.36
CA LYS B 136 16.11 -14.34 -15.39
C LYS B 136 16.74 -15.66 -14.97
N ASN B 137 17.97 -15.64 -14.49
CA ASN B 137 18.77 -16.83 -14.24
C ASN B 137 19.77 -16.51 -13.13
N LYS B 138 20.55 -17.52 -12.75
CA LYS B 138 21.53 -17.36 -11.67
C LYS B 138 22.49 -16.21 -11.94
N GLN B 139 22.93 -16.05 -13.19
CA GLN B 139 23.93 -15.03 -13.48
C GLN B 139 23.36 -13.63 -13.30
N VAL B 140 22.11 -13.42 -13.73
CA VAL B 140 21.47 -12.14 -13.51
C VAL B 140 21.23 -11.91 -12.02
N CYS B 141 20.75 -12.95 -11.33
CA CYS B 141 20.55 -12.90 -9.88
C CYS B 141 21.83 -12.51 -9.17
N ASP B 142 22.93 -13.16 -9.53
CA ASP B 142 24.24 -12.82 -8.95
C ASP B 142 24.59 -11.37 -9.24
N TRP B 143 24.19 -10.87 -10.41
CA TRP B 143 24.48 -9.48 -10.72
C TRP B 143 23.72 -8.54 -9.76
N PHE B 144 22.43 -8.78 -9.56
CA PHE B 144 21.63 -7.94 -8.65
C PHE B 144 22.12 -8.06 -7.22
N LYS B 145 22.49 -9.27 -6.81
CA LYS B 145 23.00 -9.50 -5.46
C LYS B 145 24.23 -8.66 -5.17
N GLY B 146 25.03 -8.37 -6.20
CA GLY B 146 26.16 -7.49 -6.06
C GLY B 146 25.78 -6.09 -5.59
N PHE B 147 24.54 -5.67 -5.83
CA PHE B 147 24.10 -4.37 -5.37
C PHE B 147 23.46 -4.42 -4.00
N GLY B 148 23.44 -5.59 -3.36
CA GLY B 148 22.84 -5.69 -2.06
C GLY B 148 21.40 -6.16 -2.05
N ALA B 149 20.84 -6.50 -3.22
CA ALA B 149 19.56 -7.19 -3.23
C ALA B 149 19.75 -8.55 -2.60
N VAL B 150 18.73 -9.01 -1.90
CA VAL B 150 18.75 -10.28 -1.18
C VAL B 150 17.77 -11.23 -1.86
N PRO B 151 18.22 -12.41 -2.30
CA PRO B 151 17.28 -13.36 -2.94
C PRO B 151 16.30 -13.90 -1.93
N LEU B 152 15.07 -14.12 -2.38
CA LEU B 152 14.12 -14.86 -1.55
C LEU B 152 14.52 -16.34 -1.53
N ASN B 153 14.38 -16.99 -0.39
CA ASN B 153 14.74 -18.40 -0.28
C ASN B 153 13.88 -19.25 -1.18
N ASP B 154 12.58 -19.06 -1.06
CA ASP B 154 11.63 -19.72 -1.89
C ASP B 154 11.35 -18.74 -3.02
N GLN B 155 11.15 -19.22 -4.23
CA GLN B 155 11.02 -18.37 -5.42
C GLN B 155 12.25 -17.50 -5.46
N PRO B 156 13.38 -18.18 -5.63
CA PRO B 156 14.80 -17.83 -5.65
C PRO B 156 15.28 -16.98 -6.80
N LEU B 157 14.44 -16.69 -7.77
CA LEU B 157 14.88 -15.81 -8.82
C LEU B 157 14.26 -14.45 -8.60
N SER B 158 13.87 -14.19 -7.37
CA SER B 158 13.31 -12.92 -6.92
C SER B 158 14.19 -12.39 -5.81
N LEU B 159 14.53 -11.11 -5.87
CA LEU B 159 15.34 -10.48 -4.84
C LEU B 159 14.60 -9.26 -4.31
N LEU B 160 14.94 -8.84 -3.08
CA LEU B 160 14.35 -7.66 -2.45
C LEU B 160 15.45 -6.63 -2.18
N LEU B 161 15.22 -5.42 -2.62
CA LEU B 161 16.10 -4.30 -2.39
C LEU B 161 15.25 -3.22 -1.71
N SER B 162 15.52 -2.95 -0.44
CA SER B 162 14.69 -2.01 0.33
C SER B 162 14.85 -0.56 -0.15
N PHE B 163 13.77 0.22 0.00
CA PHE B 163 13.85 1.65 -0.34
C PHE B 163 14.84 2.39 0.56
N LYS B 164 14.94 1.97 1.83
CA LYS B 164 15.89 2.62 2.75
C LYS B 164 17.31 2.54 2.23
N THR B 165 17.73 1.33 1.84
CA THR B 165 19.04 1.14 1.24
C THR B 165 19.19 2.02 0.01
N LEU B 166 18.23 1.93 -0.91
CA LEU B 166 18.31 2.74 -2.12
C LEU B 166 18.35 4.21 -1.81
N TYR B 167 17.49 4.63 -0.87
CA TYR B 167 17.37 6.04 -0.56
C TYR B 167 18.68 6.61 -0.02
N ALA B 168 19.33 5.86 0.86
CA ALA B 168 20.62 6.31 1.39
C ALA B 168 21.62 6.57 0.26
N ALA B 169 21.64 5.71 -0.76
CA ALA B 169 22.57 5.90 -1.87
C ALA B 169 22.20 7.12 -2.71
N LEU B 170 20.92 7.29 -3.03
CA LEU B 170 20.49 8.44 -3.80
C LEU B 170 20.63 9.73 -3.01
N SER B 171 20.32 9.69 -1.71
CA SER B 171 20.51 10.86 -0.87
C SER B 171 21.96 11.31 -0.87
N ALA B 172 22.89 10.36 -0.61
CA ALA B 172 24.30 10.72 -0.52
C ALA B 172 24.78 11.38 -1.80
N SER B 173 24.45 10.80 -2.95
CA SER B 173 24.83 11.39 -4.23
C SER B 173 24.06 12.68 -4.56
N GLY B 174 23.04 13.05 -3.79
CA GLY B 174 22.26 14.23 -4.14
C GLY B 174 21.19 14.04 -5.19
N ARG B 175 20.82 12.80 -5.52
CA ARG B 175 19.75 12.61 -6.49
C ARG B 175 18.37 12.69 -5.86
N LEU B 176 18.31 12.57 -4.54
CA LEU B 176 17.09 12.77 -3.78
C LEU B 176 17.56 13.59 -2.60
N SER C 9 -1.12 -22.81 -8.83
CA SER C 9 -1.40 -22.29 -7.50
C SER C 9 -2.73 -22.81 -6.95
N ASN C 10 -2.70 -24.00 -6.34
CA ASN C 10 -3.88 -24.62 -5.75
C ASN C 10 -3.55 -25.09 -4.33
N GLU C 11 -4.60 -25.29 -3.53
CA GLU C 11 -4.46 -25.65 -2.12
C GLU C 11 -5.56 -26.66 -1.76
N ARG C 12 -5.92 -26.72 -0.48
CA ARG C 12 -6.91 -27.68 0.00
C ARG C 12 -7.48 -27.22 1.34
N LEU C 13 -8.63 -27.79 1.70
CA LEU C 13 -9.39 -27.35 2.86
C LEU C 13 -10.25 -28.49 3.37
N SER C 14 -10.38 -28.59 4.69
CA SER C 14 -11.01 -29.75 5.32
C SER C 14 -11.72 -29.30 6.59
N LEU C 15 -13.04 -29.34 6.59
CA LEU C 15 -13.85 -28.86 7.71
C LEU C 15 -14.61 -30.02 8.33
N ARG C 16 -14.33 -30.29 9.60
CA ARG C 16 -15.16 -31.21 10.36
C ARG C 16 -16.51 -30.56 10.59
N VAL C 17 -17.57 -31.16 10.09
CA VAL C 17 -18.89 -30.62 10.30
C VAL C 17 -19.78 -31.69 10.86
N SER C 18 -20.92 -31.30 11.40
CA SER C 18 -21.85 -32.26 11.93
C SER C 18 -22.56 -33.03 10.83
N THR C 19 -23.12 -34.17 11.18
CA THR C 19 -23.80 -35.02 10.21
C THR C 19 -25.10 -34.43 9.73
N ASP C 20 -25.77 -33.66 10.56
CA ASP C 20 -27.04 -33.07 10.17
C ASP C 20 -26.81 -31.84 9.33
N ALA C 21 -25.68 -31.19 9.53
CA ALA C 21 -25.37 -30.03 8.78
C ALA C 21 -25.05 -30.46 7.35
N LYS C 22 -24.39 -31.59 7.21
CA LYS C 22 -23.99 -32.12 5.91
C LYS C 22 -25.22 -32.48 5.07
N LYS C 23 -26.26 -33.02 5.70
CA LYS C 23 -27.49 -33.29 4.95
C LYS C 23 -28.08 -31.99 4.41
N LEU C 24 -28.20 -30.98 5.29
CA LEU C 24 -28.63 -29.66 4.88
C LEU C 24 -27.89 -29.18 3.63
N ILE C 25 -26.56 -29.22 3.69
CA ILE C 25 -25.73 -28.65 2.62
C ILE C 25 -25.87 -29.46 1.33
N VAL C 26 -26.07 -30.77 1.43
CA VAL C 26 -26.26 -31.58 0.24
C VAL C 26 -27.60 -31.27 -0.41
N ARG C 27 -28.66 -31.18 0.40
CA ARG C 27 -29.97 -30.81 -0.15
C ARG C 27 -29.91 -29.44 -0.81
N ALA C 28 -29.24 -28.47 -0.18
CA ALA C 28 -29.13 -27.14 -0.78
C ALA C 28 -28.25 -27.17 -2.02
N ALA C 29 -27.14 -27.91 -1.98
CA ALA C 29 -26.34 -28.09 -3.18
C ALA C 29 -27.16 -28.76 -4.28
N ALA C 30 -28.00 -29.74 -3.92
CA ALA C 30 -28.86 -30.38 -4.89
C ALA C 30 -29.85 -29.37 -5.49
N ILE C 31 -30.59 -28.66 -4.64
CA ILE C 31 -31.57 -27.67 -5.11
C ILE C 31 -30.88 -26.63 -5.99
N GLN C 32 -29.64 -26.27 -5.67
CA GLN C 32 -28.89 -25.36 -6.51
C GLN C 32 -28.26 -26.05 -7.72
N GLN C 33 -28.39 -27.37 -7.82
CA GLN C 33 -27.88 -28.16 -8.96
C GLN C 33 -26.38 -27.95 -9.14
N THR C 34 -25.64 -28.08 -8.05
CA THR C 34 -24.18 -28.02 -8.09
C THR C 34 -23.61 -29.04 -7.11
N ASN C 35 -22.30 -29.19 -7.15
CA ASN C 35 -21.65 -30.12 -6.25
C ASN C 35 -21.26 -29.42 -4.94
N LEU C 36 -20.91 -30.21 -3.94
CA LEU C 36 -20.58 -29.69 -2.64
C LEU C 36 -19.58 -28.54 -2.62
N THR C 37 -18.46 -28.73 -3.26
CA THR C 37 -17.46 -27.70 -3.27
C THR C 37 -17.94 -26.43 -3.91
N ASP C 38 -18.65 -26.54 -5.01
CA ASP C 38 -19.12 -25.36 -5.69
C ASP C 38 -20.03 -24.53 -4.82
N PHE C 39 -20.94 -25.19 -4.13
CA PHE C 39 -21.88 -24.51 -3.28
C PHE C 39 -21.19 -23.88 -2.09
N VAL C 40 -20.30 -24.61 -1.46
CA VAL C 40 -19.66 -24.07 -0.26
C VAL C 40 -18.79 -22.87 -0.60
N VAL C 41 -17.99 -22.99 -1.65
CA VAL C 41 -17.01 -21.93 -1.92
C VAL C 41 -17.66 -20.73 -2.60
N SER C 42 -18.64 -20.97 -3.47
CA SER C 42 -19.31 -19.84 -4.11
C SER C 42 -20.15 -19.03 -3.13
N ASN C 43 -20.52 -19.63 -2.00
CA ASN C 43 -21.26 -18.92 -0.98
C ASN C 43 -20.38 -18.36 0.11
N ILE C 44 -19.21 -18.92 0.34
CA ILE C 44 -18.40 -18.40 1.44
C ILE C 44 -17.46 -17.29 0.96
N LEU C 45 -16.99 -17.34 -0.28
CA LEU C 45 -16.12 -16.26 -0.76
C LEU C 45 -16.81 -14.90 -0.74
N PRO C 46 -18.02 -14.74 -1.29
CA PRO C 46 -18.72 -13.45 -1.14
C PRO C 46 -18.81 -12.96 0.31
N VAL C 47 -19.15 -13.84 1.26
CA VAL C 47 -19.20 -13.42 2.66
C VAL C 47 -17.82 -12.95 3.11
N ALA C 48 -16.77 -13.67 2.71
CA ALA C 48 -15.43 -13.35 3.17
C ALA C 48 -15.00 -11.97 2.69
N GLN C 49 -15.14 -11.72 1.38
CA GLN C 49 -14.66 -10.46 0.83
C GLN C 49 -15.44 -9.28 1.38
N LYS C 50 -16.75 -9.45 1.55
CA LYS C 50 -17.53 -8.42 2.19
C LYS C 50 -16.98 -8.08 3.57
N ILE C 51 -16.41 -9.08 4.25
CA ILE C 51 -15.88 -8.85 5.60
C ILE C 51 -14.56 -8.09 5.56
N VAL C 52 -13.62 -8.49 4.72
CA VAL C 52 -12.37 -7.75 4.66
C VAL C 52 -12.60 -6.34 4.12
N ASP C 53 -13.53 -6.18 3.18
CA ASP C 53 -13.77 -4.87 2.59
C ASP C 53 -14.23 -3.86 3.63
N ALA C 54 -15.25 -4.22 4.39
CA ALA C 54 -15.76 -3.31 5.41
C ALA C 54 -14.71 -3.01 6.46
N ALA C 55 -13.83 -3.97 6.74
CA ALA C 55 -12.83 -3.74 7.78
C ALA C 55 -11.66 -2.91 7.23
N GLU C 56 -11.10 -3.31 6.09
CA GLU C 56 -9.79 -2.84 5.67
C GLU C 56 -9.77 -1.99 4.40
N ARG C 57 -10.92 -1.65 3.81
CA ARG C 57 -10.92 -1.03 2.49
C ARG C 57 -11.92 0.10 2.41
N VAL C 58 -11.57 1.11 1.64
CA VAL C 58 -12.44 2.25 1.39
C VAL C 58 -12.45 2.41 -0.10
N TYR C 59 -13.58 2.13 -0.73
CA TYR C 59 -13.67 2.22 -2.18
C TYR C 59 -14.05 3.64 -2.54
N LEU C 60 -13.19 4.34 -3.27
CA LEU C 60 -13.38 5.75 -3.52
C LEU C 60 -14.15 5.97 -4.82
N THR C 61 -15.02 6.98 -4.83
CA THR C 61 -15.61 7.44 -6.07
C THR C 61 -14.54 8.11 -6.92
N GLU C 62 -14.90 8.44 -8.16
CA GLU C 62 -13.99 9.19 -9.01
C GLU C 62 -13.68 10.56 -8.42
N ARG C 63 -14.67 11.23 -7.84
CA ARG C 63 -14.42 12.57 -7.32
C ARG C 63 -13.46 12.53 -6.14
N ASP C 64 -13.60 11.54 -5.27
CA ASP C 64 -12.70 11.42 -4.12
C ASP C 64 -11.33 10.91 -4.53
N THR C 65 -11.28 10.00 -5.51
CA THR C 65 -9.99 9.61 -6.09
C THR C 65 -9.22 10.83 -6.58
N LYS C 66 -9.86 11.69 -7.38
CA LYS C 66 -9.15 12.86 -7.91
C LYS C 66 -8.80 13.85 -6.81
N MET C 67 -9.69 14.07 -5.85
CA MET C 67 -9.34 14.91 -4.71
C MET C 67 -8.12 14.36 -3.97
N ILE C 68 -8.18 13.08 -3.61
CA ILE C 68 -7.13 12.51 -2.78
C ILE C 68 -5.81 12.44 -3.55
N MET C 69 -5.86 12.12 -4.84
CA MET C 69 -4.64 12.15 -5.65
C MET C 69 -4.00 13.52 -5.65
N GLU C 70 -4.81 14.58 -5.66
CA GLU C 70 -4.29 15.93 -5.59
C GLU C 70 -3.66 16.21 -4.22
N ILE C 71 -4.35 15.84 -3.13
CA ILE C 71 -3.81 16.05 -1.80
C ILE C 71 -2.44 15.40 -1.67
N LEU C 72 -2.37 14.11 -2.05
CA LEU C 72 -1.13 13.36 -1.90
C LEU C 72 -0.04 13.87 -2.82
N ASP C 73 -0.40 14.38 -4.00
CA ASP C 73 0.61 14.97 -4.87
C ASP C 73 1.15 16.27 -4.29
N ASN C 74 0.28 17.18 -3.86
CA ASN C 74 0.73 18.47 -3.31
C ASN C 74 -0.03 18.75 -2.01
N PRO C 75 0.48 18.25 -0.89
CA PRO C 75 -0.26 18.32 0.36
C PRO C 75 -0.14 19.69 0.99
N PRO C 76 -1.20 20.17 1.64
CA PRO C 76 -1.11 21.47 2.32
C PRO C 76 -0.01 21.49 3.36
N ALA C 77 0.48 22.70 3.62
CA ALA C 77 1.43 22.93 4.68
C ALA C 77 0.77 22.69 6.04
N PRO C 78 1.54 22.30 7.06
CA PRO C 78 0.95 22.11 8.38
C PRO C 78 0.48 23.45 8.93
N ASN C 79 -0.67 23.44 9.59
CA ASN C 79 -1.19 24.72 9.96
C ASN C 79 -0.84 25.01 11.42
N GLU C 80 -1.34 26.14 11.93
CA GLU C 80 -0.94 26.60 13.25
C GLU C 80 -1.38 25.63 14.35
N LYS C 81 -2.57 25.05 14.21
CA LYS C 81 -3.04 24.09 15.23
C LYS C 81 -2.20 22.82 15.21
N LEU C 82 -1.93 22.28 14.01
CA LEU C 82 -1.10 21.08 13.90
C LEU C 82 0.31 21.34 14.44
N LEU C 83 0.88 22.50 14.15
CA LEU C 83 2.21 22.81 14.66
C LEU C 83 2.22 22.94 16.17
N ALA C 84 1.20 23.63 16.73
CA ALA C 84 1.14 23.79 18.19
C ALA C 84 1.11 22.42 18.86
N ALA C 85 0.34 21.49 18.31
CA ALA C 85 0.31 20.14 18.87
C ALA C 85 1.67 19.44 18.73
N ALA C 86 2.34 19.60 17.58
CA ALA C 86 3.64 18.95 17.44
C ALA C 86 4.64 19.49 18.46
N PHE C 87 4.65 20.79 18.69
CA PHE C 87 5.54 21.37 19.71
C PHE C 87 5.14 21.01 21.13
N ALA C 88 3.87 20.75 21.39
CA ALA C 88 3.49 20.24 22.70
C ALA C 88 3.87 18.78 22.90
N LEU C 89 3.86 17.95 21.82
CA LEU C 89 4.03 16.52 21.97
C LEU C 89 5.30 16.25 22.73
N PRO C 90 5.26 15.57 23.86
CA PRO C 90 6.51 15.28 24.58
C PRO C 90 7.20 14.09 23.93
N ASP C 91 8.53 14.08 24.00
CA ASP C 91 9.27 12.90 23.61
C ASP C 91 9.84 12.23 24.85
N MET C 92 9.62 10.92 24.95
CA MET C 92 10.10 10.15 26.09
C MET C 92 11.39 9.42 25.75
N GLU D 11 -15.57 -12.13 -30.67
CA GLU D 11 -16.14 -13.46 -30.80
C GLU D 11 -17.43 -13.62 -30.03
N ARG D 12 -17.67 -14.81 -29.52
CA ARG D 12 -18.87 -15.10 -28.79
C ARG D 12 -18.59 -15.80 -27.47
N LEU D 13 -19.53 -15.71 -26.56
CA LEU D 13 -19.39 -16.35 -25.27
C LEU D 13 -20.42 -17.43 -25.25
N SER D 14 -19.99 -18.68 -25.23
CA SER D 14 -20.90 -19.80 -25.21
C SER D 14 -20.83 -20.43 -23.85
N LEU D 15 -21.97 -20.50 -23.18
CA LEU D 15 -22.01 -21.04 -21.85
C LEU D 15 -23.24 -21.86 -21.56
N ARG D 16 -23.10 -22.80 -20.65
CA ARG D 16 -24.23 -23.61 -20.22
C ARG D 16 -24.58 -23.21 -18.79
N VAL D 17 -25.81 -22.75 -18.59
CA VAL D 17 -26.25 -22.18 -17.33
C VAL D 17 -27.56 -22.85 -16.91
N SER D 18 -27.71 -23.06 -15.61
CA SER D 18 -28.92 -23.68 -15.09
C SER D 18 -30.14 -22.78 -15.32
N THR D 19 -31.31 -23.43 -15.36
CA THR D 19 -32.54 -22.70 -15.64
C THR D 19 -32.77 -21.60 -14.62
N ASP D 20 -32.44 -21.87 -13.35
CA ASP D 20 -32.59 -20.85 -12.31
C ASP D 20 -31.64 -19.68 -12.52
N ALA D 21 -30.46 -19.92 -13.09
CA ALA D 21 -29.50 -18.85 -13.35
C ALA D 21 -29.90 -18.04 -14.58
N LYS D 22 -30.23 -18.70 -15.69
CA LYS D 22 -30.67 -17.98 -16.87
C LYS D 22 -31.82 -17.04 -16.54
N LYS D 23 -32.85 -17.57 -15.86
CA LYS D 23 -34.01 -16.76 -15.51
C LYS D 23 -33.62 -15.56 -14.67
N LEU D 24 -32.67 -15.73 -13.75
CA LEU D 24 -32.28 -14.62 -12.87
C LEU D 24 -31.54 -13.53 -13.64
N ILE D 25 -30.69 -13.92 -14.60
CA ILE D 25 -30.06 -12.94 -15.47
C ILE D 25 -31.09 -12.25 -16.34
N VAL D 26 -32.06 -13.01 -16.86
CA VAL D 26 -33.15 -12.43 -17.63
C VAL D 26 -33.91 -11.41 -16.81
N ARG D 27 -34.33 -11.79 -15.59
CA ARG D 27 -35.13 -10.87 -14.78
C ARG D 27 -34.34 -9.60 -14.46
N ALA D 28 -33.04 -9.73 -14.13
CA ALA D 28 -32.26 -8.55 -13.76
C ALA D 28 -32.05 -7.63 -14.95
N ALA D 29 -31.70 -8.20 -16.11
CA ALA D 29 -31.64 -7.43 -17.35
C ALA D 29 -32.94 -6.68 -17.58
N ALA D 30 -34.06 -7.36 -17.32
CA ALA D 30 -35.37 -6.71 -17.42
C ALA D 30 -35.50 -5.53 -16.46
N ILE D 31 -35.13 -5.74 -15.19
CA ILE D 31 -35.20 -4.62 -14.24
C ILE D 31 -34.36 -3.44 -14.71
N GLN D 32 -33.32 -3.71 -15.50
CA GLN D 32 -32.34 -2.70 -15.91
C GLN D 32 -32.60 -2.13 -17.30
N GLN D 33 -33.81 -2.30 -17.80
CA GLN D 33 -34.23 -1.80 -19.10
C GLN D 33 -33.22 -1.93 -20.23
N THR D 34 -32.38 -2.96 -20.15
CA THR D 34 -31.31 -3.23 -21.11
C THR D 34 -31.44 -4.68 -21.59
N ASN D 35 -31.02 -4.95 -22.82
CA ASN D 35 -31.12 -6.33 -23.30
C ASN D 35 -30.03 -7.20 -22.66
N LEU D 36 -30.12 -8.50 -22.95
CA LEU D 36 -29.34 -9.49 -22.21
C LEU D 36 -27.85 -9.42 -22.53
N THR D 37 -27.48 -8.94 -23.72
CA THR D 37 -26.06 -8.90 -24.06
C THR D 37 -25.37 -7.71 -23.41
N ASP D 38 -25.99 -6.52 -23.49
CA ASP D 38 -25.37 -5.36 -22.85
C ASP D 38 -25.31 -5.51 -21.34
N PHE D 39 -26.27 -6.23 -20.74
CA PHE D 39 -26.27 -6.35 -19.28
C PHE D 39 -25.09 -7.19 -18.80
N VAL D 40 -24.97 -8.42 -19.30
CA VAL D 40 -23.84 -9.27 -18.89
C VAL D 40 -22.52 -8.57 -19.19
N VAL D 41 -22.37 -8.08 -20.42
CA VAL D 41 -21.08 -7.56 -20.87
C VAL D 41 -20.73 -6.27 -20.13
N SER D 42 -21.66 -5.30 -20.09
CA SER D 42 -21.35 -4.02 -19.47
C SER D 42 -21.04 -4.15 -17.98
N ASN D 43 -21.42 -5.25 -17.36
CA ASN D 43 -21.11 -5.46 -15.94
C ASN D 43 -19.82 -6.23 -15.72
N ILE D 44 -19.40 -7.05 -16.69
CA ILE D 44 -18.30 -7.96 -16.45
C ILE D 44 -16.95 -7.38 -16.88
N LEU D 45 -16.92 -6.48 -17.87
CA LEU D 45 -15.64 -5.84 -18.18
C LEU D 45 -15.10 -5.02 -17.01
N PRO D 46 -15.87 -4.16 -16.33
CA PRO D 46 -15.27 -3.44 -15.20
C PRO D 46 -14.73 -4.36 -14.12
N VAL D 47 -15.40 -5.47 -13.87
CA VAL D 47 -14.84 -6.51 -13.01
C VAL D 47 -13.51 -7.00 -13.59
N ALA D 48 -13.51 -7.39 -14.86
CA ALA D 48 -12.31 -7.93 -15.49
C ALA D 48 -11.17 -6.91 -15.49
N GLN D 49 -11.50 -5.64 -15.77
CA GLN D 49 -10.50 -4.58 -15.75
C GLN D 49 -9.88 -4.38 -14.36
N LYS D 50 -10.70 -4.49 -13.30
CA LYS D 50 -10.18 -4.37 -11.94
C LYS D 50 -9.21 -5.50 -11.63
N ILE D 51 -9.46 -6.69 -12.16
CA ILE D 51 -8.60 -7.82 -11.84
C ILE D 51 -7.24 -7.68 -12.51
N VAL D 52 -7.23 -7.28 -13.79
CA VAL D 52 -5.94 -7.21 -14.49
C VAL D 52 -5.11 -6.01 -14.04
N ASP D 53 -5.74 -4.90 -13.66
CA ASP D 53 -4.97 -3.76 -13.18
C ASP D 53 -4.52 -3.90 -11.74
N ALA D 54 -5.07 -4.85 -10.98
CA ALA D 54 -4.67 -4.99 -9.59
C ALA D 54 -3.20 -5.37 -9.52
N ALA D 55 -2.57 -4.97 -8.42
CA ALA D 55 -1.17 -5.34 -8.20
C ALA D 55 -1.04 -6.86 -8.04
N GLU D 56 -0.03 -7.43 -8.68
CA GLU D 56 0.33 -8.82 -8.47
C GLU D 56 0.60 -9.09 -7.00
N ARG D 57 0.07 -10.22 -6.51
CA ARG D 57 0.24 -10.65 -5.12
C ARG D 57 1.33 -11.72 -5.07
N VAL D 58 2.30 -11.55 -4.18
CA VAL D 58 3.40 -12.48 -3.99
C VAL D 58 3.23 -13.11 -2.61
N TYR D 59 2.83 -14.39 -2.57
CA TYR D 59 2.58 -15.07 -1.31
C TYR D 59 3.90 -15.59 -0.75
N LEU D 60 4.29 -15.13 0.43
CA LEU D 60 5.56 -15.54 1.00
C LEU D 60 5.39 -16.73 1.92
N THR D 61 6.41 -17.56 1.97
CA THR D 61 6.42 -18.59 2.98
C THR D 61 6.74 -17.97 4.34
N GLU D 62 6.68 -18.80 5.38
CA GLU D 62 7.01 -18.32 6.70
C GLU D 62 8.48 -17.90 6.78
N ARG D 63 9.37 -18.70 6.21
CA ARG D 63 10.80 -18.38 6.24
C ARG D 63 11.08 -17.07 5.52
N ASP D 64 10.40 -16.80 4.42
CA ASP D 64 10.70 -15.58 3.67
C ASP D 64 10.09 -14.36 4.35
N THR D 65 8.89 -14.50 4.93
CA THR D 65 8.31 -13.44 5.73
C THR D 65 9.27 -12.97 6.82
N LYS D 66 9.78 -13.92 7.61
CA LYS D 66 10.76 -13.61 8.63
C LYS D 66 11.93 -12.81 8.06
N MET D 67 12.48 -13.30 6.95
CA MET D 67 13.66 -12.66 6.36
C MET D 67 13.32 -11.26 5.85
N ILE D 68 12.16 -11.11 5.21
CA ILE D 68 11.78 -9.83 4.64
C ILE D 68 11.43 -8.82 5.75
N MET D 69 10.73 -9.27 6.80
CA MET D 69 10.46 -8.37 7.92
C MET D 69 11.75 -7.88 8.55
N GLU D 70 12.70 -8.78 8.71
CA GLU D 70 14.00 -8.42 9.26
C GLU D 70 14.74 -7.45 8.36
N ILE D 71 14.62 -7.61 7.03
CA ILE D 71 15.32 -6.71 6.11
C ILE D 71 14.67 -5.33 6.14
N LEU D 72 13.36 -5.30 6.22
CA LEU D 72 12.66 -4.04 6.25
C LEU D 72 12.86 -3.36 7.60
N ASP D 73 12.97 -4.14 8.67
CA ASP D 73 13.33 -3.60 9.98
C ASP D 73 14.76 -3.07 9.99
N ASN D 74 15.74 -3.92 9.66
CA ASN D 74 17.16 -3.55 9.74
C ASN D 74 17.81 -3.67 8.36
N PRO D 75 17.59 -2.68 7.49
CA PRO D 75 18.10 -2.80 6.13
C PRO D 75 19.61 -2.70 6.09
N PRO D 76 20.24 -3.36 5.13
CA PRO D 76 21.69 -3.18 4.97
C PRO D 76 22.02 -1.81 4.39
N ALA D 77 23.21 -1.35 4.73
CA ALA D 77 23.72 -0.11 4.21
C ALA D 77 24.03 -0.25 2.71
N PRO D 78 23.95 0.84 1.96
CA PRO D 78 24.33 0.76 0.55
C PRO D 78 25.82 0.45 0.43
N ASN D 79 26.17 -0.46 -0.49
CA ASN D 79 27.55 -0.88 -0.65
C ASN D 79 28.22 -0.06 -1.74
N GLU D 80 29.45 -0.45 -2.08
CA GLU D 80 30.27 0.34 -3.00
C GLU D 80 29.66 0.39 -4.39
N LYS D 81 29.08 -0.73 -4.86
CA LYS D 81 28.54 -0.76 -6.21
C LYS D 81 27.30 0.12 -6.34
N LEU D 82 26.41 0.06 -5.34
CA LEU D 82 25.21 0.90 -5.35
C LEU D 82 25.59 2.37 -5.26
N LEU D 83 26.54 2.70 -4.38
CA LEU D 83 26.92 4.09 -4.21
C LEU D 83 27.57 4.64 -5.49
N ALA D 84 28.52 3.88 -6.06
CA ALA D 84 29.11 4.24 -7.35
C ALA D 84 28.03 4.48 -8.42
N ALA D 85 27.08 3.56 -8.55
CA ALA D 85 26.02 3.80 -9.54
C ALA D 85 25.25 5.08 -9.22
N ALA D 86 24.97 5.31 -7.93
CA ALA D 86 24.20 6.50 -7.55
C ALA D 86 24.93 7.77 -7.95
N PHE D 87 26.24 7.83 -7.71
CA PHE D 87 26.98 9.04 -8.01
C PHE D 87 27.17 9.24 -9.52
N ALA D 88 27.10 8.15 -10.30
CA ALA D 88 27.19 8.30 -11.75
C ALA D 88 25.86 8.73 -12.35
N LEU D 89 24.75 8.37 -11.72
CA LEU D 89 23.43 8.68 -12.23
C LEU D 89 23.34 10.15 -12.62
N PRO D 90 22.90 10.47 -13.83
CA PRO D 90 22.76 11.86 -14.23
C PRO D 90 21.56 12.53 -13.55
N ASP D 91 21.70 13.83 -13.30
CA ASP D 91 20.55 14.65 -12.89
C ASP D 91 19.69 14.91 -14.11
N MET D 92 18.44 14.47 -14.06
CA MET D 92 17.56 14.61 -15.22
C MET D 92 16.73 15.90 -15.11
N1A COA G . -17.95 18.35 25.02
C2A COA G . -18.01 19.73 24.89
N3A COA G . -17.04 20.64 24.67
C4A COA G . -15.80 20.05 24.56
C5A COA G . -15.56 18.64 24.67
C6A COA G . -16.69 17.83 24.90
N6A COA G . -16.53 16.47 25.00
N7A COA G . -14.21 18.34 24.52
C8A COA G . -13.64 19.55 24.34
N9A COA G . -14.54 20.60 24.35
C1B COA G . -14.26 22.03 24.17
C2B COA G . -13.00 22.43 24.97
O2B COA G . -13.34 22.90 26.24
C3B COA G . -12.54 23.57 24.03
O3B COA G . -13.47 24.57 24.11
P3B COA G . -12.72 26.26 23.90
O7A COA G . -12.91 26.34 22.43
O8A COA G . -11.30 26.09 24.44
O9A COA G . -13.69 27.08 24.73
C4B COA G . -12.71 22.82 22.69
O4B COA G . -14.01 22.27 22.77
C5B COA G . -11.71 21.65 22.55
O5B COA G . -10.46 22.06 22.99
P1A COA G . -9.47 20.73 22.93
O1A COA G . -9.31 20.39 21.49
O2A COA G . -8.25 20.94 23.80
O3A COA G . -10.32 19.38 23.57
P2A COA G . -9.33 18.12 23.75
O4A COA G . -8.38 18.06 22.61
O5A COA G . -8.77 17.82 25.11
O6A COA G . -10.44 16.78 23.55
CBP COA G . -11.83 15.51 22.05
CCP COA G . -11.15 16.90 22.34
CDP COA G . -12.55 15.59 20.72
CEP COA G . -10.76 14.45 22.01
CAP COA G . -12.86 15.21 23.21
OAP COA G . -14.03 16.00 23.07
C9P COA G . -13.33 13.75 23.36
O9P COA G . -12.65 12.85 23.85
N8P COA G . -14.64 13.47 22.95
C7P COA G . -15.14 12.09 23.08
C6P COA G . -15.80 11.62 21.76
C5P COA G . -14.72 11.65 20.72
O5P COA G . -13.57 11.98 20.93
N4P COA G . -15.08 11.27 19.43
C3P COA G . -14.00 11.31 18.43
C2P COA G . -13.93 9.97 17.70
S1P COA G . -15.19 10.03 16.40
C1 MPD H . 6.65 11.25 2.77
C2 MPD H . 6.89 10.45 4.05
O2 MPD H . 8.33 10.41 4.16
CM MPD H . 6.33 11.24 5.21
C3 MPD H . 6.26 9.04 3.92
C4 MPD H . 6.41 8.04 5.09
O4 MPD H . 6.22 6.68 4.69
C5 MPD H . 7.77 8.10 5.81
BA BA I . -11.72 10.19 35.20
N1A COA J . 26.03 -12.66 -16.82
C2A COA J . 27.36 -12.40 -16.62
N3A COA J . 28.02 -11.25 -16.37
C4A COA J . 27.16 -10.17 -16.31
C5A COA J . 25.74 -10.27 -16.50
C6A COA J . 25.21 -11.55 -16.75
N6A COA J . 23.87 -11.72 -16.95
N7A COA J . 25.12 -9.04 -16.40
C8A COA J . 26.14 -8.20 -16.14
N9A COA J . 27.39 -8.83 -16.08
C1B COA J . 28.72 -8.19 -15.83
C2B COA J . 29.19 -7.50 -17.15
O2B COA J . 30.09 -8.28 -17.85
C3B COA J . 29.87 -6.23 -16.55
O3B COA J . 31.12 -6.53 -16.14
P3B COA J . 32.06 -4.94 -15.94
O7A COA J . 32.56 -5.27 -14.57
O8A COA J . 30.98 -3.86 -16.06
O9A COA J . 33.06 -5.10 -17.07
C4B COA J . 29.00 -5.92 -15.33
O4B COA J . 28.52 -7.20 -14.82
C5B COA J . 27.85 -5.01 -15.74
O5B COA J . 27.84 -3.86 -14.93
P1A COA J . 27.10 -2.73 -15.89
O1A COA J . 26.49 -1.68 -15.05
O2A COA J . 27.90 -2.37 -17.13
O3A COA J . 25.67 -3.44 -16.35
P2A COA J . 25.55 -3.36 -17.92
O4A COA J . 25.47 -2.00 -18.43
O5A COA J . 26.37 -4.45 -18.63
O6A COA J . 23.95 -3.92 -18.12
CBP COA J . 22.73 -5.90 -17.99
CCP COA J . 23.90 -5.12 -17.42
CDP COA J . 22.65 -7.21 -17.27
CEP COA J . 21.45 -5.11 -17.78
CAP COA J . 23.02 -6.06 -19.50
OAP COA J . 24.06 -6.95 -19.78
C9P COA J . 21.79 -6.57 -20.24
O9P COA J . 21.11 -5.84 -20.92
N8P COA J . 21.50 -7.90 -20.14
C7P COA J . 20.32 -8.34 -20.85
C6P COA J . 19.15 -7.89 -19.97
C5P COA J . 18.98 -8.95 -18.93
O5P COA J . 19.64 -9.98 -18.87
N4P COA J . 17.98 -8.70 -17.98
C3P COA J . 17.74 -9.72 -16.93
C2P COA J . 16.62 -9.25 -15.98
S1P COA J . 15.40 -8.32 -16.96
C1 MPD K . 11.75 6.22 4.00
C2 MPD K . 11.90 5.70 2.57
O2 MPD K . 12.14 6.85 1.72
CM MPD K . 13.15 4.84 2.49
C3 MPD K . 10.66 4.97 2.05
C4 MPD K . 9.58 5.95 1.55
O4 MPD K . 8.87 5.43 0.44
C5 MPD K . 8.56 6.25 2.65
BA BA L . 21.74 -1.39 -31.40
C1 MPD M . -25.05 -28.85 -14.74
C2 MPD M . -25.54 -28.46 -13.35
O2 MPD M . -24.45 -28.69 -12.40
CM MPD M . -26.71 -29.35 -12.97
C3 MPD M . -25.96 -26.98 -13.32
C4 MPD M . -24.80 -26.01 -13.07
O4 MPD M . -23.74 -26.67 -12.45
C5 MPD M . -24.33 -25.36 -14.37
C1 GOL N . 3.43 18.22 -6.54
O1 GOL N . 3.93 17.54 -7.68
C2 GOL N . 4.61 18.50 -5.55
O2 GOL N . 4.18 19.06 -4.39
C3 GOL N . 5.24 17.13 -5.29
O3 GOL N . 4.28 16.18 -5.65
C1 GOL O . 14.70 0.46 12.28
O1 GOL O . 13.46 -0.09 12.44
C2 GOL O . 15.65 -0.63 12.67
O2 GOL O . 16.91 -0.40 12.25
C3 GOL O . 15.48 -0.90 14.22
O3 GOL O . 14.67 0.12 14.79
#